data_8IYP
#
_entry.id   8IYP
#
_cell.length_a   60.975
_cell.length_b   60.975
_cell.length_c   207.311
_cell.angle_alpha   90.000
_cell.angle_beta   90.000
_cell.angle_gamma   90.000
#
_symmetry.space_group_name_H-M   'P 41 21 2'
#
loop_
_entity.id
_entity.type
_entity.pdbx_description
1 polymer 'Serine palmitoyltransferase'
2 non-polymer [3-HYDROXY-2-METHYL-5-PHOSPHONOOXYMETHYL-PYRIDIN-4-YLMETHYL]-SERINE
3 non-polymer 1,2-ETHANEDIOL
4 water water
#
_entity_poly.entity_id   1
_entity_poly.type   'polypeptide(L)'
_entity_poly.pdbx_seq_one_letter_code
;MSKGKLGEKISQFKIVEELKAKGLYAYFRPIQSKQDTEVKIDGRRVLMFGSNSYLGLTTDTRIIKAAQDALEKYGTGCAG
SRFLNGTLDIHVELEEKLSAYVGKEAAILFSTGFQSNLGPLSCLMGRNDYILLDERDHASIIDGSRLSFSKVIKYGHNNM
EDLRAKLSRLPEDSAKLICTDGIFSMEGDIVNLPELTSIANEFDAAVMVDDAHSLGVIGHKGAGTASHFGLNDDVDLIMG
TFSKSLASLGGFVAGDADVIDFLKHNARSVMFSASMTPASVASTLKALEIIQNEPEHIEKLWKNTDYAKAQLLDHGFDLG
ATESPILPIFIRSNEKTFWVTKMLQDDGVFVNPVVSPAVPAEESLIRFSLMATHTYDQIDEAIEKMVKVFKQAEVETLI
;
_entity_poly.pdbx_strand_id   A
#
loop_
_chem_comp.id
_chem_comp.type
_chem_comp.name
_chem_comp.formula
EDO non-polymer 1,2-ETHANEDIOL 'C2 H6 O2'
PLS non-polymer [3-HYDROXY-2-METHYL-5-PHOSPHONOOXYMETHYL-PYRIDIN-4-YLMETHYL]-SERINE 'C11 H17 N2 O8 P'
#
# COMPACT_ATOMS: atom_id res chain seq x y z
N SER A 2 28.93 -13.46 -17.68
CA SER A 2 30.19 -13.65 -16.91
C SER A 2 30.11 -12.89 -15.59
N LYS A 3 30.84 -13.36 -14.55
CA LYS A 3 30.43 -13.00 -13.19
C LYS A 3 31.48 -12.28 -12.35
N GLY A 4 32.69 -11.97 -12.86
CA GLY A 4 33.66 -11.33 -11.99
C GLY A 4 33.16 -10.04 -11.34
N LYS A 5 32.79 -9.06 -12.18
CA LYS A 5 32.40 -7.75 -11.70
C LYS A 5 31.05 -7.84 -10.98
N LEU A 6 30.17 -8.71 -11.47
CA LEU A 6 28.87 -8.88 -10.85
C LEU A 6 29.03 -9.41 -9.43
N GLY A 7 29.93 -10.39 -9.25
CA GLY A 7 30.26 -10.88 -7.92
C GLY A 7 30.76 -9.75 -7.01
N GLU A 8 31.57 -8.83 -7.53
CA GLU A 8 32.04 -7.71 -6.73
C GLU A 8 30.90 -6.75 -6.35
N LYS A 9 29.95 -6.54 -7.27
CA LYS A 9 28.84 -5.65 -6.98
C LYS A 9 28.05 -6.09 -5.73
N ILE A 10 27.90 -7.41 -5.50
CA ILE A 10 26.99 -7.95 -4.50
C ILE A 10 27.78 -8.39 -3.25
N SER A 11 29.11 -8.25 -3.31
CA SER A 11 30.02 -8.84 -2.34
C SER A 11 29.87 -8.22 -0.96
N GLN A 12 29.49 -6.94 -0.90
CA GLN A 12 29.43 -6.19 0.34
C GLN A 12 28.10 -6.37 1.07
N PHE A 13 27.14 -7.04 0.43
CA PHE A 13 25.83 -7.22 1.03
C PHE A 13 25.89 -8.44 1.96
N LYS A 14 26.10 -8.16 3.25
N LYS A 14 26.14 -8.20 3.25
CA LYS A 14 26.38 -9.19 4.26
CA LYS A 14 26.36 -9.29 4.18
C LYS A 14 25.22 -9.41 5.21
C LYS A 14 25.32 -9.33 5.30
N ILE A 15 24.33 -8.42 5.33
CA ILE A 15 23.35 -8.41 6.41
C ILE A 15 22.52 -9.71 6.43
N VAL A 16 22.09 -10.24 5.27
CA VAL A 16 21.29 -11.45 5.29
C VAL A 16 22.09 -12.64 5.81
N GLU A 17 23.33 -12.82 5.37
N GLU A 17 23.31 -12.76 5.33
CA GLU A 17 24.10 -13.94 5.87
CA GLU A 17 24.23 -13.79 5.79
C GLU A 17 24.32 -13.78 7.38
C GLU A 17 24.34 -13.76 7.32
N GLU A 18 24.50 -12.55 7.84
CA GLU A 18 24.73 -12.36 9.26
C GLU A 18 23.44 -12.68 10.04
N LEU A 19 22.30 -12.15 9.58
CA LEU A 19 21.03 -12.54 10.21
C LEU A 19 20.83 -14.04 10.28
N LYS A 20 21.07 -14.72 9.18
CA LYS A 20 20.86 -16.15 9.14
C LYS A 20 21.79 -16.87 10.11
N ALA A 21 23.05 -16.44 10.15
CA ALA A 21 24.05 -17.12 10.96
C ALA A 21 23.77 -16.93 12.45
N LYS A 22 23.23 -15.76 12.78
CA LYS A 22 22.85 -15.47 14.16
C LYS A 22 21.50 -16.07 14.55
N GLY A 23 20.74 -16.63 13.61
CA GLY A 23 19.46 -17.25 13.91
C GLY A 23 18.37 -16.18 14.06
N LEU A 24 18.58 -15.03 13.40
CA LEU A 24 17.67 -13.90 13.55
C LEU A 24 16.82 -13.71 12.29
N TYR A 25 17.06 -14.48 11.24
CA TYR A 25 16.49 -14.14 9.94
C TYR A 25 14.99 -14.44 9.98
N ALA A 26 14.18 -13.46 9.57
CA ALA A 26 12.72 -13.62 9.59
C ALA A 26 12.08 -12.94 8.38
N TYR A 27 12.82 -12.86 7.25
CA TYR A 27 12.22 -12.45 5.99
C TYR A 27 11.76 -13.69 5.22
N PHE A 28 10.82 -13.52 4.29
CA PHE A 28 10.34 -14.58 3.41
C PHE A 28 9.87 -15.81 4.20
N ARG A 29 9.32 -15.57 5.41
CA ARG A 29 8.84 -16.65 6.23
C ARG A 29 7.78 -17.47 5.47
N PRO A 30 7.96 -18.77 5.25
CA PRO A 30 7.02 -19.51 4.41
C PRO A 30 5.73 -19.94 5.13
N ILE A 31 4.65 -19.23 4.82
CA ILE A 31 3.34 -19.53 5.35
C ILE A 31 2.71 -20.71 4.61
N GLN A 32 2.00 -21.54 5.37
CA GLN A 32 1.48 -22.81 4.86
C GLN A 32 -0.04 -22.84 4.76
N SER A 33 -0.68 -21.70 5.04
CA SER A 33 -2.11 -21.62 5.19
C SER A 33 -2.60 -20.33 4.56
N LYS A 34 -3.92 -20.13 4.56
CA LYS A 34 -4.51 -18.84 4.23
C LYS A 34 -3.91 -17.73 5.08
N GLN A 35 -3.81 -16.54 4.46
CA GLN A 35 -3.55 -15.32 5.22
C GLN A 35 -4.77 -15.10 6.11
N ASP A 36 -4.56 -15.09 7.43
CA ASP A 36 -5.67 -15.02 8.39
C ASP A 36 -5.11 -14.43 9.66
N THR A 37 -5.92 -14.33 10.72
CA THR A 37 -5.47 -13.80 11.99
C THR A 37 -4.47 -14.72 12.68
N GLU A 38 -4.48 -15.98 12.29
CA GLU A 38 -3.44 -16.94 12.60
C GLU A 38 -3.01 -17.57 11.29
N VAL A 39 -1.71 -17.79 11.15
CA VAL A 39 -1.15 -18.48 10.00
C VAL A 39 -0.33 -19.66 10.52
N LYS A 40 -0.04 -20.59 9.64
CA LYS A 40 0.80 -21.73 9.98
C LYS A 40 2.17 -21.52 9.34
N ILE A 41 3.20 -21.65 10.15
CA ILE A 41 4.57 -21.57 9.67
C ILE A 41 5.31 -22.71 10.31
N ASP A 42 5.99 -23.53 9.50
CA ASP A 42 6.72 -24.67 10.04
C ASP A 42 5.83 -25.53 10.92
N GLY A 43 4.58 -25.62 10.51
CA GLY A 43 3.60 -26.49 11.15
C GLY A 43 2.98 -25.86 12.40
N ARG A 44 3.46 -24.70 12.88
CA ARG A 44 3.00 -24.10 14.13
CA ARG A 44 2.91 -24.16 14.12
C ARG A 44 2.06 -22.94 13.81
N ARG A 45 1.23 -22.58 14.77
CA ARG A 45 0.32 -21.47 14.62
C ARG A 45 0.96 -20.18 15.12
N VAL A 46 0.78 -19.09 14.33
CA VAL A 46 1.40 -17.79 14.57
C VAL A 46 0.33 -16.72 14.38
N LEU A 47 0.19 -15.82 15.37
CA LEU A 47 -0.74 -14.71 15.27
C LEU A 47 -0.19 -13.75 14.23
N MET A 48 -1.02 -13.33 13.29
CA MET A 48 -0.58 -12.48 12.20
C MET A 48 -0.94 -11.03 12.50
N PHE A 49 0.05 -10.21 12.82
CA PHE A 49 -0.12 -8.77 12.98
C PHE A 49 0.79 -8.02 12.02
N GLY A 50 1.13 -8.70 10.91
CA GLY A 50 1.99 -8.16 9.87
C GLY A 50 1.34 -8.07 8.48
N SER A 51 0.01 -8.05 8.41
CA SER A 51 -0.67 -8.15 7.13
C SER A 51 -1.15 -6.80 6.62
N ASN A 52 -1.52 -6.78 5.35
CA ASN A 52 -2.22 -5.62 4.78
C ASN A 52 -3.71 -5.93 4.54
N SER A 53 -4.16 -7.16 4.87
CA SER A 53 -5.54 -7.53 4.60
C SER A 53 -6.44 -6.93 5.67
N TYR A 54 -6.65 -5.61 5.61
CA TYR A 54 -7.21 -4.90 6.74
C TYR A 54 -8.62 -5.39 7.09
N LEU A 55 -9.35 -5.93 6.11
CA LEU A 55 -10.73 -6.34 6.40
C LEU A 55 -10.82 -7.86 6.53
N GLY A 56 -9.68 -8.57 6.51
CA GLY A 56 -9.69 -10.02 6.68
C GLY A 56 -10.34 -10.82 5.56
N LEU A 57 -10.51 -10.24 4.35
CA LEU A 57 -11.39 -10.80 3.34
C LEU A 57 -10.75 -11.88 2.46
N THR A 58 -9.45 -12.17 2.60
CA THR A 58 -8.83 -13.16 1.75
C THR A 58 -9.39 -14.55 2.03
N THR A 59 -10.07 -14.71 3.20
CA THR A 59 -10.63 -16.00 3.58
C THR A 59 -12.16 -16.07 3.39
N ASP A 60 -12.76 -15.01 2.87
CA ASP A 60 -14.20 -14.94 2.76
C ASP A 60 -14.66 -15.92 1.67
N THR A 61 -15.46 -16.92 2.07
CA THR A 61 -15.86 -17.97 1.15
C THR A 61 -16.55 -17.43 -0.11
N ARG A 62 -17.26 -16.28 -0.02
CA ARG A 62 -17.93 -15.71 -1.18
C ARG A 62 -16.95 -15.25 -2.22
N ILE A 63 -15.85 -14.70 -1.70
CA ILE A 63 -14.80 -14.14 -2.55
C ILE A 63 -13.99 -15.27 -3.17
N ILE A 64 -13.73 -16.31 -2.40
CA ILE A 64 -13.07 -17.51 -2.90
C ILE A 64 -13.91 -18.11 -4.02
N LYS A 65 -15.23 -18.27 -3.76
CA LYS A 65 -16.09 -18.89 -4.74
C LYS A 65 -16.19 -18.02 -6.02
N ALA A 66 -16.25 -16.69 -5.89
CA ALA A 66 -16.27 -15.84 -7.07
C ALA A 66 -15.03 -16.08 -7.93
N ALA A 67 -13.88 -16.17 -7.28
CA ALA A 67 -12.62 -16.40 -7.98
C ALA A 67 -12.62 -17.78 -8.66
N GLN A 68 -13.10 -18.81 -7.95
CA GLN A 68 -13.16 -20.16 -8.50
C GLN A 68 -14.12 -20.22 -9.69
N ASP A 69 -15.26 -19.51 -9.59
CA ASP A 69 -16.22 -19.48 -10.70
C ASP A 69 -15.61 -18.75 -11.90
N ALA A 70 -14.83 -17.69 -11.68
CA ALA A 70 -14.20 -17.03 -12.81
C ALA A 70 -13.16 -17.92 -13.49
N LEU A 71 -12.37 -18.67 -12.73
CA LEU A 71 -11.48 -19.70 -13.27
C LEU A 71 -12.27 -20.68 -14.16
N GLU A 72 -13.44 -21.15 -13.69
CA GLU A 72 -14.23 -22.10 -14.46
C GLU A 72 -14.63 -21.49 -15.79
N LYS A 73 -15.08 -20.22 -15.77
CA LYS A 73 -15.62 -19.59 -16.96
C LYS A 73 -14.53 -19.10 -17.92
N TYR A 74 -13.47 -18.47 -17.36
CA TYR A 74 -12.50 -17.70 -18.12
C TYR A 74 -11.11 -18.32 -18.15
N GLY A 75 -10.86 -19.37 -17.36
CA GLY A 75 -9.53 -19.96 -17.36
C GLY A 75 -8.54 -19.20 -16.45
N THR A 76 -7.26 -19.56 -16.60
CA THR A 76 -6.25 -19.21 -15.62
C THR A 76 -5.56 -17.88 -15.92
N GLY A 77 -5.77 -17.35 -17.12
CA GLY A 77 -5.06 -16.13 -17.50
C GLY A 77 -5.58 -15.64 -18.82
N CYS A 78 -5.34 -14.38 -19.13
CA CYS A 78 -5.78 -13.79 -20.38
C CYS A 78 -4.69 -13.78 -21.47
N ALA A 79 -3.41 -13.97 -21.08
CA ALA A 79 -2.31 -14.18 -22.03
C ALA A 79 -2.13 -13.01 -22.99
N GLY A 80 -2.34 -11.80 -22.50
CA GLY A 80 -1.95 -10.63 -23.29
C GLY A 80 -2.21 -9.34 -22.50
N SER A 81 -1.65 -8.25 -22.98
N SER A 81 -1.67 -8.26 -23.02
CA SER A 81 -1.94 -6.94 -22.41
CA SER A 81 -1.99 -6.91 -22.56
C SER A 81 -3.41 -6.60 -22.64
C SER A 81 -3.49 -6.68 -22.60
N ARG A 82 -4.00 -5.83 -21.72
CA ARG A 82 -5.36 -5.28 -21.87
C ARG A 82 -5.53 -4.63 -23.24
N PHE A 83 -4.48 -3.89 -23.68
CA PHE A 83 -4.42 -3.13 -24.91
C PHE A 83 -4.80 -4.00 -26.11
N LEU A 84 -4.30 -5.24 -26.11
CA LEU A 84 -4.51 -6.17 -27.23
C LEU A 84 -5.58 -7.22 -26.89
N ASN A 85 -5.17 -8.45 -26.54
CA ASN A 85 -6.08 -9.59 -26.47
C ASN A 85 -6.47 -9.92 -25.02
N GLY A 86 -6.06 -9.06 -24.07
CA GLY A 86 -6.14 -9.37 -22.66
C GLY A 86 -7.27 -8.67 -21.88
N THR A 87 -8.19 -8.00 -22.59
CA THR A 87 -9.36 -7.43 -21.97
C THR A 87 -10.51 -8.42 -21.93
N LEU A 88 -11.13 -8.51 -20.76
CA LEU A 88 -12.38 -9.22 -20.55
C LEU A 88 -13.48 -8.23 -20.20
N ASP A 89 -14.70 -8.67 -20.47
CA ASP A 89 -15.87 -7.95 -19.98
C ASP A 89 -15.79 -7.66 -18.49
N ILE A 90 -15.33 -8.63 -17.68
CA ILE A 90 -15.19 -8.41 -16.25
C ILE A 90 -14.12 -7.37 -15.90
N HIS A 91 -13.07 -7.16 -16.70
CA HIS A 91 -12.15 -6.05 -16.38
C HIS A 91 -12.92 -4.73 -16.49
N VAL A 92 -13.74 -4.61 -17.56
CA VAL A 92 -14.43 -3.36 -17.84
C VAL A 92 -15.48 -3.11 -16.75
N GLU A 93 -16.16 -4.17 -16.33
CA GLU A 93 -17.10 -4.12 -15.22
C GLU A 93 -16.44 -3.59 -13.95
N LEU A 94 -15.24 -4.12 -13.62
CA LEU A 94 -14.57 -3.68 -12.42
C LEU A 94 -14.14 -2.21 -12.54
N GLU A 95 -13.71 -1.76 -13.73
CA GLU A 95 -13.38 -0.37 -13.96
C GLU A 95 -14.58 0.53 -13.69
N GLU A 96 -15.73 0.11 -14.22
CA GLU A 96 -16.94 0.90 -14.06
C GLU A 96 -17.29 0.99 -12.57
N LYS A 97 -17.19 -0.14 -11.87
CA LYS A 97 -17.55 -0.21 -10.47
C LYS A 97 -16.59 0.59 -9.60
N LEU A 98 -15.31 0.56 -9.93
CA LEU A 98 -14.36 1.37 -9.17
C LEU A 98 -14.60 2.85 -9.40
N SER A 99 -14.83 3.24 -10.67
CA SER A 99 -15.11 4.61 -11.05
C SER A 99 -16.26 5.09 -10.18
N ALA A 100 -17.32 4.30 -10.09
CA ALA A 100 -18.48 4.71 -9.30
C ALA A 100 -18.10 4.83 -7.82
N TYR A 101 -17.33 3.88 -7.31
CA TYR A 101 -16.97 3.85 -5.89
C TYR A 101 -16.21 5.08 -5.44
N VAL A 102 -15.22 5.49 -6.24
CA VAL A 102 -14.37 6.63 -5.89
C VAL A 102 -14.89 7.91 -6.52
N GLY A 103 -15.98 7.86 -7.26
CA GLY A 103 -16.61 9.08 -7.72
C GLY A 103 -15.87 9.72 -8.89
N LYS A 104 -15.38 8.94 -9.86
CA LYS A 104 -14.69 9.44 -11.02
C LYS A 104 -15.35 8.90 -12.28
N GLU A 105 -15.00 9.51 -13.40
CA GLU A 105 -15.61 9.18 -14.69
C GLU A 105 -15.19 7.79 -15.18
N ALA A 106 -13.94 7.42 -14.93
CA ALA A 106 -13.33 6.32 -15.68
C ALA A 106 -12.19 5.77 -14.83
N ALA A 107 -11.81 4.53 -15.14
CA ALA A 107 -10.67 3.88 -14.46
C ALA A 107 -10.01 2.91 -15.42
N ILE A 108 -8.71 2.67 -15.17
CA ILE A 108 -7.95 1.66 -15.89
C ILE A 108 -7.26 0.81 -14.85
N LEU A 109 -7.40 -0.51 -15.02
CA LEU A 109 -6.76 -1.50 -14.16
C LEU A 109 -5.32 -1.72 -14.60
N PHE A 110 -4.49 -2.06 -13.61
CA PHE A 110 -3.15 -2.59 -13.79
C PHE A 110 -3.04 -3.93 -13.06
N SER A 111 -2.07 -4.78 -13.48
N SER A 111 -2.02 -4.72 -13.45
CA SER A 111 -1.97 -6.11 -12.92
CA SER A 111 -1.85 -6.07 -12.95
C SER A 111 -1.32 -6.14 -11.53
C SER A 111 -1.31 -6.12 -11.53
N THR A 112 -0.73 -5.02 -11.10
CA THR A 112 -0.31 -4.80 -9.72
C THR A 112 -0.52 -3.35 -9.31
N GLY A 113 -0.58 -3.13 -8.01
CA GLY A 113 -0.57 -1.77 -7.48
C GLY A 113 0.67 -1.02 -7.92
N PHE A 114 1.80 -1.72 -7.83
CA PHE A 114 3.08 -1.11 -8.20
C PHE A 114 3.01 -0.53 -9.61
N GLN A 115 2.47 -1.30 -10.56
CA GLN A 115 2.42 -0.86 -11.95
C GLN A 115 1.38 0.26 -12.12
N SER A 116 0.37 0.30 -11.23
CA SER A 116 -0.65 1.34 -11.22
C SER A 116 -0.01 2.72 -10.99
N ASN A 117 1.02 2.79 -10.15
CA ASN A 117 1.75 4.03 -9.96
C ASN A 117 2.69 4.28 -11.14
N LEU A 118 3.36 3.24 -11.66
CA LEU A 118 4.27 3.45 -12.78
C LEU A 118 3.55 4.10 -13.95
N GLY A 119 2.31 3.69 -14.20
CA GLY A 119 1.58 4.15 -15.37
C GLY A 119 1.50 5.65 -15.45
N PRO A 120 0.68 6.31 -14.62
CA PRO A 120 0.49 7.74 -14.77
C PRO A 120 1.75 8.58 -14.48
N LEU A 121 2.59 8.14 -13.53
CA LEU A 121 3.79 8.91 -13.21
C LEU A 121 4.80 8.89 -14.35
N SER A 122 4.84 7.82 -15.16
CA SER A 122 5.81 7.76 -16.25
C SER A 122 5.35 8.57 -17.46
N CYS A 123 4.05 8.82 -17.69
CA CYS A 123 3.63 9.21 -19.04
C CYS A 123 2.85 10.54 -19.10
N LEU A 124 2.53 11.19 -18.00
CA LEU A 124 1.74 12.41 -18.05
C LEU A 124 2.67 13.63 -18.07
N MET A 125 3.61 13.74 -17.13
CA MET A 125 4.57 14.84 -17.10
C MET A 125 5.76 14.41 -17.96
N GLY A 126 6.22 15.30 -18.83
CA GLY A 126 7.37 14.99 -19.66
C GLY A 126 8.50 16.02 -19.55
N ARG A 127 9.29 16.15 -20.62
CA ARG A 127 10.37 17.10 -20.61
C ARG A 127 9.83 18.49 -20.27
N ASN A 128 10.58 19.22 -19.46
CA ASN A 128 10.20 20.58 -19.09
C ASN A 128 9.03 20.64 -18.12
N ASP A 129 8.54 19.50 -17.64
CA ASP A 129 7.51 19.46 -16.60
C ASP A 129 8.11 18.94 -15.29
N TYR A 130 7.26 18.91 -14.27
CA TYR A 130 7.70 18.57 -12.92
C TYR A 130 6.70 17.66 -12.21
N ILE A 131 7.29 16.74 -11.44
CA ILE A 131 6.56 15.92 -10.50
C ILE A 131 7.10 16.24 -9.11
N LEU A 132 6.15 16.50 -8.20
CA LEU A 132 6.43 16.86 -6.82
C LEU A 132 5.95 15.71 -5.96
N LEU A 133 6.89 15.15 -5.17
CA LEU A 133 6.64 13.95 -4.39
C LEU A 133 6.89 14.21 -2.92
N ASP A 134 5.96 13.78 -2.07
CA ASP A 134 6.26 13.72 -0.65
C ASP A 134 7.46 12.82 -0.46
N GLU A 135 8.46 13.24 0.36
CA GLU A 135 9.66 12.43 0.51
C GLU A 135 9.41 11.02 1.07
N ARG A 136 8.27 10.77 1.74
CA ARG A 136 7.97 9.45 2.27
C ARG A 136 7.06 8.66 1.34
N ASP A 137 6.89 9.13 0.11
CA ASP A 137 6.03 8.38 -0.82
C ASP A 137 6.54 6.95 -1.02
N HIS A 138 5.60 6.06 -1.37
CA HIS A 138 5.92 4.67 -1.58
C HIS A 138 6.96 4.54 -2.70
N ALA A 139 7.80 3.50 -2.59
CA ALA A 139 8.83 3.23 -3.58
C ALA A 139 8.29 3.23 -5.01
N SER A 140 7.06 2.71 -5.21
CA SER A 140 6.51 2.63 -6.57
C SER A 140 6.24 4.00 -7.19
N ILE A 141 5.93 4.98 -6.33
CA ILE A 141 5.75 6.36 -6.76
C ILE A 141 7.08 6.94 -7.19
N ILE A 142 8.12 6.78 -6.34
CA ILE A 142 9.45 7.25 -6.73
C ILE A 142 9.86 6.62 -8.05
N ASP A 143 9.65 5.31 -8.17
CA ASP A 143 10.08 4.60 -9.38
C ASP A 143 9.29 5.09 -10.58
N GLY A 144 7.97 5.19 -10.44
CA GLY A 144 7.16 5.68 -11.55
C GLY A 144 7.62 7.03 -12.05
N SER A 145 7.96 7.91 -11.08
N SER A 145 7.96 7.91 -11.09
CA SER A 145 8.37 9.25 -11.40
CA SER A 145 8.39 9.26 -11.40
C SER A 145 9.72 9.24 -12.12
C SER A 145 9.72 9.23 -12.14
N ARG A 146 10.63 8.34 -11.72
CA ARG A 146 11.91 8.19 -12.40
C ARG A 146 11.73 7.66 -13.79
N LEU A 147 10.62 6.99 -14.09
CA LEU A 147 10.38 6.56 -15.46
C LEU A 147 9.82 7.68 -16.33
N SER A 148 9.42 8.81 -15.74
CA SER A 148 9.03 9.96 -16.54
C SER A 148 10.28 10.60 -17.15
N PHE A 149 10.05 11.52 -18.09
CA PHE A 149 11.12 12.34 -18.63
C PHE A 149 11.09 13.74 -17.99
N SER A 150 10.36 13.87 -16.87
N SER A 150 10.41 13.86 -16.84
CA SER A 150 10.22 15.12 -16.11
CA SER A 150 10.25 15.13 -16.14
C SER A 150 11.33 15.27 -15.08
C SER A 150 11.21 15.22 -14.96
N LYS A 151 11.36 16.45 -14.44
CA LYS A 151 12.17 16.69 -13.26
C LYS A 151 11.37 16.35 -12.00
N VAL A 152 11.90 15.43 -11.17
CA VAL A 152 11.25 14.95 -9.96
C VAL A 152 11.84 15.70 -8.78
N ILE A 153 10.94 16.28 -7.98
CA ILE A 153 11.30 17.09 -6.83
C ILE A 153 10.62 16.49 -5.61
N LYS A 154 11.37 16.20 -4.57
CA LYS A 154 10.77 15.76 -3.33
C LYS A 154 10.60 16.97 -2.41
N TYR A 155 9.51 16.94 -1.66
CA TYR A 155 9.25 17.91 -0.61
C TYR A 155 9.15 17.19 0.73
N GLY A 156 9.37 17.98 1.77
CA GLY A 156 9.40 17.46 3.11
C GLY A 156 8.10 16.80 3.48
N HIS A 157 8.20 15.75 4.27
CA HIS A 157 7.03 14.93 4.57
C HIS A 157 5.91 15.76 5.20
N ASN A 158 4.75 15.76 4.55
CA ASN A 158 3.60 16.58 4.92
C ASN A 158 3.94 18.04 5.17
N ASN A 159 4.96 18.57 4.48
CA ASN A 159 5.43 19.92 4.67
C ASN A 159 4.89 20.78 3.58
N MET A 160 3.76 21.44 3.89
CA MET A 160 3.03 22.24 2.93
C MET A 160 3.78 23.51 2.55
N GLU A 161 4.58 24.07 3.50
CA GLU A 161 5.37 25.24 3.17
C GLU A 161 6.46 24.88 2.18
N ASP A 162 7.04 23.68 2.34
CA ASP A 162 8.10 23.22 1.46
C ASP A 162 7.52 22.94 0.07
N LEU A 163 6.36 22.32 0.04
CA LEU A 163 5.66 22.09 -1.23
C LEU A 163 5.36 23.39 -1.96
N ARG A 164 4.77 24.35 -1.26
CA ARG A 164 4.42 25.62 -1.83
C ARG A 164 5.66 26.33 -2.36
N ALA A 165 6.73 26.39 -1.56
CA ALA A 165 7.96 27.07 -1.95
C ALA A 165 8.51 26.43 -3.22
N LYS A 166 8.56 25.10 -3.23
CA LYS A 166 9.17 24.41 -4.35
C LYS A 166 8.37 24.64 -5.63
N LEU A 167 7.03 24.62 -5.53
CA LEU A 167 6.17 24.90 -6.66
C LEU A 167 6.34 26.33 -7.19
N SER A 168 6.56 27.26 -6.23
N SER A 168 6.55 27.27 -6.26
CA SER A 168 6.66 28.68 -6.52
CA SER A 168 6.64 28.69 -6.57
C SER A 168 7.86 28.99 -7.42
C SER A 168 7.86 28.99 -7.44
N ARG A 169 8.93 28.21 -7.29
CA ARG A 169 10.18 28.48 -7.97
C ARG A 169 10.11 28.01 -9.43
N LEU A 170 9.10 27.21 -9.77
CA LEU A 170 9.05 26.58 -11.07
C LEU A 170 8.53 27.53 -12.14
N PRO A 171 8.97 27.36 -13.42
CA PRO A 171 8.41 28.16 -14.51
C PRO A 171 6.90 28.02 -14.63
N GLU A 172 6.21 29.15 -14.88
CA GLU A 172 4.77 29.15 -15.04
C GLU A 172 4.39 28.25 -16.21
N ASP A 173 5.19 28.29 -17.29
CA ASP A 173 4.86 27.63 -18.54
C ASP A 173 5.36 26.19 -18.49
N SER A 174 4.91 25.46 -17.47
CA SER A 174 5.24 24.04 -17.32
C SER A 174 4.09 23.38 -16.59
N ALA A 175 3.92 22.09 -16.87
CA ALA A 175 2.93 21.32 -16.14
C ALA A 175 3.59 20.74 -14.89
N LYS A 176 2.75 20.58 -13.86
CA LYS A 176 3.19 20.05 -12.58
C LYS A 176 2.16 19.03 -12.12
N LEU A 177 2.66 17.96 -11.48
N LEU A 177 2.68 17.95 -11.50
CA LEU A 177 1.79 16.97 -10.86
CA LEU A 177 1.91 16.90 -10.89
C LEU A 177 2.37 16.55 -9.51
C LEU A 177 2.43 16.69 -9.47
N ILE A 178 1.54 16.68 -8.47
CA ILE A 178 1.86 16.30 -7.10
C ILE A 178 1.30 14.92 -6.86
N CYS A 179 2.15 14.00 -6.39
CA CYS A 179 1.71 12.68 -6.04
C CYS A 179 2.06 12.40 -4.59
N THR A 180 1.09 11.90 -3.83
CA THR A 180 1.23 11.60 -2.42
C THR A 180 0.55 10.28 -2.07
N ASP A 181 1.12 9.54 -1.11
CA ASP A 181 0.35 8.49 -0.46
C ASP A 181 -0.81 9.16 0.27
N GLY A 182 -1.93 8.45 0.37
CA GLY A 182 -3.03 8.89 1.19
C GLY A 182 -2.77 8.61 2.66
N ILE A 183 -2.82 7.33 3.05
CA ILE A 183 -2.21 6.87 4.27
C ILE A 183 -0.80 6.37 3.91
N PHE A 184 0.19 6.91 4.62
CA PHE A 184 1.61 6.54 4.50
C PHE A 184 1.85 5.29 5.36
N SER A 185 2.37 4.18 4.82
CA SER A 185 2.27 2.95 5.59
C SER A 185 3.28 2.81 6.71
N MET A 186 4.43 3.49 6.63
N MET A 186 4.44 3.47 6.61
CA MET A 186 5.44 3.23 7.65
CA MET A 186 5.44 3.25 7.64
C MET A 186 4.94 3.70 9.01
C MET A 186 4.85 3.67 8.98
N GLU A 187 4.48 4.95 9.08
CA GLU A 187 3.99 5.52 10.32
C GLU A 187 2.45 5.55 10.40
N GLY A 188 1.76 5.27 9.29
CA GLY A 188 0.30 5.17 9.31
C GLY A 188 -0.41 6.52 9.36
N ASP A 189 0.29 7.59 9.04
CA ASP A 189 -0.25 8.96 9.04
C ASP A 189 -0.96 9.30 7.73
N ILE A 190 -1.82 10.34 7.76
CA ILE A 190 -2.60 10.74 6.59
C ILE A 190 -2.07 12.05 6.01
N VAL A 191 -1.98 12.13 4.69
CA VAL A 191 -1.58 13.34 3.99
C VAL A 191 -2.47 14.52 4.41
N ASN A 192 -1.89 15.73 4.48
CA ASN A 192 -2.67 16.94 4.66
C ASN A 192 -3.35 17.34 3.33
N LEU A 193 -4.36 16.54 2.93
CA LEU A 193 -4.91 16.76 1.59
C LEU A 193 -5.59 18.12 1.48
N PRO A 194 -6.25 18.66 2.52
CA PRO A 194 -6.80 20.00 2.35
C PRO A 194 -5.80 21.06 1.93
N GLU A 195 -4.64 21.12 2.61
N GLU A 195 -4.62 21.09 2.58
CA GLU A 195 -3.68 22.15 2.25
CA GLU A 195 -3.68 22.14 2.26
C GLU A 195 -3.03 21.81 0.92
C GLU A 195 -2.95 21.82 0.95
N LEU A 196 -2.69 20.52 0.69
CA LEU A 196 -2.03 20.12 -0.52
C LEU A 196 -2.87 20.54 -1.72
N THR A 197 -4.17 20.28 -1.65
CA THR A 197 -5.02 20.60 -2.79
C THR A 197 -5.22 22.11 -2.94
N SER A 198 -5.24 22.83 -1.81
N SER A 198 -5.25 22.82 -1.80
CA SER A 198 -5.31 24.29 -1.86
CA SER A 198 -5.29 24.28 -1.82
C SER A 198 -4.10 24.85 -2.61
C SER A 198 -4.11 24.83 -2.61
N ILE A 199 -2.89 24.36 -2.30
CA ILE A 199 -1.69 24.75 -2.99
C ILE A 199 -1.75 24.34 -4.47
N ALA A 200 -2.15 23.10 -4.73
CA ALA A 200 -2.25 22.63 -6.11
C ALA A 200 -3.12 23.57 -6.93
N ASN A 201 -4.24 23.95 -6.35
CA ASN A 201 -5.21 24.80 -7.07
C ASN A 201 -4.57 26.16 -7.34
N GLU A 202 -3.77 26.66 -6.41
CA GLU A 202 -3.12 27.95 -6.62
C GLU A 202 -2.15 27.93 -7.80
N PHE A 203 -1.44 26.82 -7.99
CA PHE A 203 -0.39 26.67 -9.01
C PHE A 203 -0.85 25.80 -10.19
N ASP A 204 -2.14 25.47 -10.24
CA ASP A 204 -2.72 24.68 -11.32
C ASP A 204 -1.98 23.36 -11.52
N ALA A 205 -1.55 22.74 -10.40
CA ALA A 205 -0.89 21.45 -10.44
C ALA A 205 -1.92 20.32 -10.35
N ALA A 206 -1.69 19.26 -11.13
CA ALA A 206 -2.49 18.06 -11.01
C ALA A 206 -2.18 17.40 -9.67
N VAL A 207 -3.16 16.69 -9.10
CA VAL A 207 -3.06 15.94 -7.86
C VAL A 207 -3.39 14.48 -8.06
N MET A 208 -2.45 13.62 -7.64
CA MET A 208 -2.66 12.18 -7.63
C MET A 208 -2.43 11.68 -6.21
N VAL A 209 -3.39 10.89 -5.72
CA VAL A 209 -3.29 10.26 -4.41
C VAL A 209 -3.22 8.75 -4.56
N ASP A 210 -2.29 8.13 -3.85
CA ASP A 210 -2.18 6.69 -3.79
C ASP A 210 -2.86 6.14 -2.54
N ASP A 211 -3.99 5.48 -2.75
CA ASP A 211 -4.86 5.03 -1.66
C ASP A 211 -4.73 3.54 -1.35
N ALA A 212 -3.53 2.99 -1.55
CA ALA A 212 -3.28 1.58 -1.27
C ALA A 212 -3.81 1.23 0.11
N HIS A 213 -3.41 2.01 1.11
CA HIS A 213 -3.71 1.72 2.48
C HIS A 213 -4.95 2.47 2.96
N SER A 214 -5.60 3.24 2.07
CA SER A 214 -6.79 3.97 2.44
C SER A 214 -8.08 3.25 2.03
N LEU A 215 -8.07 2.59 0.88
CA LEU A 215 -9.29 1.95 0.42
C LEU A 215 -9.69 0.87 1.39
N GLY A 216 -10.96 0.86 1.76
CA GLY A 216 -11.44 -0.08 2.74
C GLY A 216 -11.11 0.31 4.17
N VAL A 217 -10.54 1.50 4.37
CA VAL A 217 -10.04 1.94 5.67
C VAL A 217 -10.65 3.30 6.05
N ILE A 218 -10.43 4.29 5.21
CA ILE A 218 -10.99 5.64 5.41
C ILE A 218 -11.86 6.03 4.23
N GLY A 219 -12.65 7.08 4.46
CA GLY A 219 -13.61 7.52 3.46
C GLY A 219 -14.96 6.81 3.64
N HIS A 220 -15.96 7.40 2.99
CA HIS A 220 -17.29 6.85 3.08
C HIS A 220 -17.31 5.46 2.44
N LYS A 221 -17.74 4.48 3.21
CA LYS A 221 -17.77 3.07 2.87
C LYS A 221 -16.41 2.64 2.34
N GLY A 222 -15.38 3.31 2.85
CA GLY A 222 -13.98 2.93 2.53
C GLY A 222 -13.45 3.53 1.23
N ALA A 223 -14.11 4.51 0.63
CA ALA A 223 -13.76 4.99 -0.71
C ALA A 223 -12.50 5.83 -0.79
N GLY A 224 -11.82 6.05 0.34
CA GLY A 224 -10.44 6.52 0.32
C GLY A 224 -10.21 7.92 0.87
N THR A 225 -9.08 8.52 0.52
CA THR A 225 -8.60 9.73 1.21
C THR A 225 -9.40 10.95 0.73
N ALA A 226 -9.56 11.12 -0.59
CA ALA A 226 -10.37 12.23 -1.12
C ALA A 226 -11.74 12.18 -0.46
N SER A 227 -12.32 11.00 -0.37
CA SER A 227 -13.62 10.79 0.24
C SER A 227 -13.60 11.20 1.71
N HIS A 228 -12.56 10.80 2.44
CA HIS A 228 -12.38 11.14 3.85
C HIS A 228 -12.43 12.64 4.07
N PHE A 229 -11.86 13.44 3.16
CA PHE A 229 -11.75 14.89 3.30
C PHE A 229 -12.87 15.67 2.57
N GLY A 230 -13.65 15.01 1.72
CA GLY A 230 -14.67 15.66 0.90
C GLY A 230 -14.10 16.33 -0.34
N LEU A 231 -12.87 15.94 -0.75
CA LEU A 231 -12.09 16.62 -1.75
C LEU A 231 -12.01 15.85 -3.09
N ASN A 232 -13.00 15.01 -3.41
CA ASN A 232 -13.10 14.38 -4.72
C ASN A 232 -12.85 15.33 -5.90
N ASP A 233 -13.38 16.56 -5.83
CA ASP A 233 -13.32 17.51 -6.92
C ASP A 233 -11.95 18.20 -7.05
N ASP A 234 -11.05 18.01 -6.08
CA ASP A 234 -9.75 18.66 -6.11
C ASP A 234 -8.62 17.64 -6.31
N VAL A 235 -8.96 16.38 -6.54
CA VAL A 235 -7.99 15.31 -6.80
C VAL A 235 -8.20 14.79 -8.22
N ASP A 236 -7.20 14.95 -9.07
CA ASP A 236 -7.34 14.55 -10.46
C ASP A 236 -7.36 13.03 -10.62
N LEU A 237 -6.43 12.37 -9.91
CA LEU A 237 -6.27 10.94 -10.11
C LEU A 237 -6.29 10.26 -8.75
N ILE A 238 -7.14 9.26 -8.62
CA ILE A 238 -7.18 8.40 -7.45
C ILE A 238 -6.70 7.02 -7.85
N MET A 239 -5.55 6.64 -7.26
CA MET A 239 -4.92 5.38 -7.49
C MET A 239 -5.21 4.50 -6.28
N GLY A 240 -5.42 3.20 -6.54
CA GLY A 240 -5.57 2.25 -5.47
C GLY A 240 -4.95 0.91 -5.87
N THR A 241 -4.85 0.01 -4.88
N THR A 241 -4.94 0.01 -4.89
CA THR A 241 -4.40 -1.34 -5.10
CA THR A 241 -4.43 -1.33 -5.07
C THR A 241 -5.51 -2.30 -4.69
C THR A 241 -5.50 -2.32 -4.63
N PHE A 242 -5.38 -3.55 -5.11
CA PHE A 242 -6.31 -4.60 -4.74
C PHE A 242 -5.72 -5.61 -3.76
N SER A 243 -4.47 -5.37 -3.33
CA SER A 243 -3.68 -6.37 -2.62
C SER A 243 -3.81 -6.24 -1.09
N LYS A 244 -4.68 -5.35 -0.60
CA LYS A 244 -4.74 -5.01 0.83
C LYS A 244 -6.18 -5.27 1.31
N SER A 245 -7.00 -4.24 1.50
CA SER A 245 -8.38 -4.50 1.90
C SER A 245 -9.10 -5.40 0.90
N LEU A 246 -8.84 -5.20 -0.38
CA LEU A 246 -9.60 -5.87 -1.42
C LEU A 246 -9.14 -7.30 -1.70
N ALA A 247 -8.14 -7.78 -0.97
CA ALA A 247 -7.86 -9.20 -0.77
C ALA A 247 -7.41 -9.94 -2.03
N SER A 248 -6.76 -9.23 -2.96
N SER A 248 -6.86 -9.21 -3.01
CA SER A 248 -6.52 -9.76 -4.28
CA SER A 248 -6.56 -9.75 -4.33
C SER A 248 -5.14 -9.29 -4.77
C SER A 248 -5.17 -9.27 -4.77
N LEU A 249 -5.06 -8.92 -6.05
CA LEU A 249 -3.79 -8.53 -6.67
C LEU A 249 -4.18 -7.65 -7.84
N GLY A 250 -3.46 -6.54 -7.98
CA GLY A 250 -3.74 -5.58 -9.04
C GLY A 250 -3.96 -4.18 -8.46
N GLY A 251 -4.27 -3.24 -9.34
CA GLY A 251 -4.64 -1.92 -8.88
C GLY A 251 -5.32 -1.14 -9.98
N PHE A 252 -5.51 0.16 -9.76
CA PHE A 252 -6.22 0.96 -10.75
C PHE A 252 -5.84 2.41 -10.59
N VAL A 253 -6.13 3.20 -11.63
CA VAL A 253 -6.11 4.65 -11.57
C VAL A 253 -7.44 5.12 -12.11
N ALA A 254 -8.11 5.99 -11.33
CA ALA A 254 -9.39 6.53 -11.77
C ALA A 254 -9.28 8.04 -11.91
N GLY A 255 -10.08 8.59 -12.83
CA GLY A 255 -10.04 10.02 -13.07
C GLY A 255 -10.96 10.41 -14.18
N ASP A 256 -10.68 11.54 -14.81
CA ASP A 256 -11.51 12.02 -15.93
C ASP A 256 -11.28 11.06 -17.10
N ALA A 257 -12.36 10.87 -17.88
CA ALA A 257 -12.28 9.95 -19.00
C ALA A 257 -11.23 10.31 -20.02
N ASP A 258 -10.97 11.60 -20.32
CA ASP A 258 -9.95 11.91 -21.30
C ASP A 258 -8.56 11.54 -20.78
N VAL A 259 -8.33 11.82 -19.50
CA VAL A 259 -7.05 11.49 -18.88
C VAL A 259 -6.87 9.98 -18.85
N ILE A 260 -7.91 9.25 -18.47
CA ILE A 260 -7.82 7.80 -18.36
C ILE A 260 -7.63 7.19 -19.75
N ASP A 261 -8.30 7.76 -20.74
N ASP A 261 -8.32 7.73 -20.77
CA ASP A 261 -8.12 7.30 -22.09
CA ASP A 261 -8.10 7.25 -22.12
C ASP A 261 -6.67 7.49 -22.57
C ASP A 261 -6.66 7.49 -22.58
N PHE A 262 -6.09 8.65 -22.23
CA PHE A 262 -4.70 8.88 -22.52
C PHE A 262 -3.83 7.81 -21.84
N LEU A 263 -4.06 7.59 -20.53
N LEU A 263 -4.13 7.58 -20.56
CA LEU A 263 -3.24 6.65 -19.78
CA LEU A 263 -3.31 6.73 -19.74
C LEU A 263 -3.27 5.26 -20.40
C LEU A 263 -3.32 5.29 -20.23
N LYS A 264 -4.49 4.79 -20.66
CA LYS A 264 -4.60 3.38 -21.05
C LYS A 264 -3.95 3.11 -22.39
N HIS A 265 -3.72 4.15 -23.21
CA HIS A 265 -3.03 4.01 -24.48
C HIS A 265 -1.56 4.42 -24.44
N ASN A 266 -1.07 4.99 -23.32
CA ASN A 266 0.27 5.57 -23.30
C ASN A 266 1.14 5.06 -22.14
N ALA A 267 0.55 4.48 -21.12
CA ALA A 267 1.34 3.95 -20.01
C ALA A 267 1.93 2.59 -20.37
N ARG A 268 3.27 2.51 -20.38
CA ARG A 268 3.97 1.30 -20.69
C ARG A 268 3.55 0.16 -19.75
N SER A 269 3.26 0.47 -18.47
CA SER A 269 2.96 -0.58 -17.51
C SER A 269 1.58 -1.20 -17.76
N VAL A 270 0.71 -0.58 -18.58
CA VAL A 270 -0.52 -1.26 -19.03
C VAL A 270 -0.40 -1.75 -20.48
N MET A 271 0.33 -1.08 -21.38
N MET A 271 0.32 -1.02 -21.34
CA MET A 271 0.41 -1.54 -22.76
CA MET A 271 0.52 -1.39 -22.74
C MET A 271 1.30 -2.79 -22.92
C MET A 271 1.26 -2.74 -22.87
N PHE A 272 2.26 -2.95 -22.01
CA PHE A 272 3.31 -3.96 -22.20
C PHE A 272 3.38 -4.95 -21.05
N SER A 273 2.25 -5.21 -20.39
CA SER A 273 2.15 -6.16 -19.28
C SER A 273 0.81 -6.85 -19.34
N ALA A 274 0.80 -8.17 -19.11
CA ALA A 274 -0.40 -8.97 -19.21
C ALA A 274 -1.42 -8.53 -18.14
N SER A 275 -2.69 -8.67 -18.49
CA SER A 275 -3.80 -8.22 -17.69
C SER A 275 -4.03 -9.08 -16.44
N MET A 276 -4.77 -8.50 -15.49
CA MET A 276 -5.15 -9.23 -14.29
C MET A 276 -5.80 -10.56 -14.62
N THR A 277 -5.52 -11.60 -13.81
CA THR A 277 -6.14 -12.90 -14.04
C THR A 277 -7.63 -12.78 -13.78
N PRO A 278 -8.46 -13.59 -14.46
CA PRO A 278 -9.90 -13.57 -14.17
C PRO A 278 -10.22 -13.75 -12.69
N ALA A 279 -9.54 -14.67 -12.02
CA ALA A 279 -9.77 -14.94 -10.62
C ALA A 279 -9.60 -13.66 -9.81
N SER A 280 -8.55 -12.88 -10.10
N SER A 280 -8.54 -12.88 -10.10
CA SER A 280 -8.29 -11.67 -9.33
CA SER A 280 -8.29 -11.67 -9.33
C SER A 280 -9.30 -10.57 -9.66
C SER A 280 -9.34 -10.59 -9.65
N VAL A 281 -9.80 -10.53 -10.91
CA VAL A 281 -10.84 -9.58 -11.25
C VAL A 281 -12.09 -9.87 -10.44
N ALA A 282 -12.47 -11.15 -10.41
CA ALA A 282 -13.70 -11.58 -9.74
C ALA A 282 -13.58 -11.43 -8.21
N SER A 283 -12.41 -11.75 -7.61
N SER A 283 -12.41 -11.77 -7.66
CA SER A 283 -12.27 -11.57 -6.17
CA SER A 283 -12.13 -11.55 -6.25
C SER A 283 -12.31 -10.07 -5.82
C SER A 283 -12.36 -10.08 -5.89
N THR A 284 -11.74 -9.20 -6.68
CA THR A 284 -11.77 -7.77 -6.39
C THR A 284 -13.21 -7.27 -6.49
N LEU A 285 -13.93 -7.67 -7.56
CA LEU A 285 -15.34 -7.29 -7.71
C LEU A 285 -16.13 -7.68 -6.46
N LYS A 286 -15.97 -8.93 -6.00
CA LYS A 286 -16.80 -9.44 -4.92
C LYS A 286 -16.40 -8.78 -3.60
N ALA A 287 -15.09 -8.56 -3.37
CA ALA A 287 -14.68 -7.83 -2.17
C ALA A 287 -15.21 -6.39 -2.15
N LEU A 288 -15.22 -5.73 -3.31
CA LEU A 288 -15.67 -4.36 -3.37
C LEU A 288 -17.17 -4.33 -3.00
N GLU A 289 -17.94 -5.30 -3.49
CA GLU A 289 -19.33 -5.38 -3.08
C GLU A 289 -19.45 -5.50 -1.55
N ILE A 290 -18.70 -6.43 -0.98
CA ILE A 290 -18.80 -6.73 0.44
C ILE A 290 -18.44 -5.49 1.25
N ILE A 291 -17.40 -4.74 0.86
CA ILE A 291 -16.94 -3.61 1.66
C ILE A 291 -18.05 -2.56 1.79
N GLN A 292 -18.79 -2.38 0.69
CA GLN A 292 -19.87 -1.42 0.66
C GLN A 292 -21.12 -1.94 1.33
N ASN A 293 -21.47 -3.19 1.07
CA ASN A 293 -22.76 -3.69 1.49
C ASN A 293 -22.76 -4.06 2.97
N GLU A 294 -21.58 -4.33 3.54
CA GLU A 294 -21.52 -4.90 4.88
C GLU A 294 -20.64 -3.98 5.73
N PRO A 295 -21.20 -2.94 6.35
CA PRO A 295 -20.41 -1.92 7.08
C PRO A 295 -19.66 -2.43 8.30
N GLU A 296 -19.99 -3.62 8.74
CA GLU A 296 -19.39 -4.19 9.93
C GLU A 296 -17.88 -4.39 9.76
N HIS A 297 -17.41 -4.67 8.52
CA HIS A 297 -15.99 -4.95 8.34
C HIS A 297 -15.15 -3.74 8.76
N ILE A 298 -15.42 -2.60 8.12
CA ILE A 298 -14.71 -1.36 8.46
C ILE A 298 -14.91 -1.04 9.94
N GLU A 299 -16.16 -1.19 10.44
CA GLU A 299 -16.40 -0.84 11.84
C GLU A 299 -15.50 -1.66 12.78
N LYS A 300 -15.40 -2.95 12.54
CA LYS A 300 -14.66 -3.85 13.41
C LYS A 300 -13.14 -3.61 13.29
N LEU A 301 -12.68 -3.33 12.06
CA LEU A 301 -11.30 -2.92 11.86
C LEU A 301 -10.96 -1.76 12.79
N TRP A 302 -11.84 -0.76 12.84
CA TRP A 302 -11.55 0.40 13.64
C TRP A 302 -11.73 0.13 15.14
N LYS A 303 -12.69 -0.73 15.53
CA LYS A 303 -12.77 -1.13 16.92
C LYS A 303 -11.48 -1.78 17.40
N ASN A 304 -10.94 -2.64 16.54
CA ASN A 304 -9.70 -3.34 16.85
C ASN A 304 -8.58 -2.32 16.91
N THR A 305 -8.54 -1.41 15.93
CA THR A 305 -7.45 -0.46 15.90
C THR A 305 -7.48 0.36 17.20
N ASP A 306 -8.69 0.84 17.55
CA ASP A 306 -8.80 1.76 18.68
C ASP A 306 -8.42 0.99 19.94
N TYR A 307 -8.86 -0.26 20.05
CA TYR A 307 -8.51 -1.06 21.21
C TYR A 307 -7.02 -1.34 21.35
N ALA A 308 -6.42 -1.83 20.25
CA ALA A 308 -5.00 -2.16 20.26
C ALA A 308 -4.18 -0.92 20.57
N LYS A 309 -4.47 0.21 19.90
CA LYS A 309 -3.71 1.43 20.10
C LYS A 309 -3.78 1.82 21.58
N ALA A 310 -5.00 1.83 22.12
CA ALA A 310 -5.13 2.20 23.53
C ALA A 310 -4.33 1.27 24.45
N GLN A 311 -4.41 -0.04 24.18
N GLN A 311 -4.41 -0.05 24.24
CA GLN A 311 -3.76 -1.09 24.97
CA GLN A 311 -3.69 -1.00 25.07
C GLN A 311 -2.23 -0.98 24.90
C GLN A 311 -2.18 -0.77 24.95
N LEU A 312 -1.67 -0.60 23.71
CA LEU A 312 -0.23 -0.41 23.53
C LEU A 312 0.24 0.81 24.31
N LEU A 313 -0.49 1.93 24.19
CA LEU A 313 -0.16 3.17 24.89
C LEU A 313 -0.25 2.95 26.40
N ASP A 314 -1.24 2.18 26.83
CA ASP A 314 -1.44 1.86 28.23
C ASP A 314 -0.29 1.03 28.78
N HIS A 315 0.31 0.18 27.95
CA HIS A 315 1.45 -0.62 28.39
C HIS A 315 2.76 0.13 28.24
N GLY A 316 2.73 1.38 27.75
CA GLY A 316 3.93 2.20 27.72
C GLY A 316 4.79 2.04 26.46
N PHE A 317 4.23 1.39 25.42
CA PHE A 317 4.91 1.39 24.16
C PHE A 317 4.93 2.81 23.59
N ASP A 318 5.96 3.05 22.80
CA ASP A 318 6.14 4.31 22.14
C ASP A 318 5.66 4.17 20.69
N LEU A 319 4.50 4.78 20.38
CA LEU A 319 3.94 4.65 19.05
C LEU A 319 4.24 5.84 18.16
N GLY A 320 4.31 5.58 16.85
CA GLY A 320 4.40 6.62 15.85
C GLY A 320 3.04 7.33 15.71
N ALA A 321 3.03 8.43 14.93
CA ALA A 321 1.89 9.31 14.78
C ALA A 321 0.90 8.74 13.77
N THR A 322 0.38 7.58 14.09
CA THR A 322 -0.55 6.91 13.20
C THR A 322 -1.95 7.49 13.33
N GLU A 323 -2.68 7.43 12.21
CA GLU A 323 -4.08 7.75 12.14
C GLU A 323 -4.82 6.59 11.45
N SER A 324 -4.23 5.40 11.52
CA SER A 324 -4.73 4.27 10.75
C SER A 324 -4.59 2.97 11.54
N PRO A 325 -5.00 1.82 10.95
CA PRO A 325 -4.79 0.51 11.58
C PRO A 325 -3.34 0.03 11.61
N ILE A 326 -2.41 0.85 11.13
CA ILE A 326 -0.98 0.56 11.19
C ILE A 326 -0.48 1.19 12.47
N LEU A 327 0.03 0.35 13.38
CA LEU A 327 0.52 0.84 14.67
C LEU A 327 2.03 0.65 14.70
N PRO A 328 2.81 1.73 14.45
CA PRO A 328 4.27 1.60 14.48
C PRO A 328 4.72 1.72 15.93
N ILE A 329 5.55 0.75 16.32
CA ILE A 329 6.03 0.63 17.68
C ILE A 329 7.55 0.84 17.59
N PHE A 330 8.02 1.97 18.13
CA PHE A 330 9.43 2.30 18.17
C PHE A 330 10.28 1.40 19.08
N ILE A 331 11.46 1.03 18.55
CA ILE A 331 12.47 0.26 19.26
C ILE A 331 13.81 1.03 19.28
N ARG A 332 14.23 1.61 18.14
CA ARG A 332 15.28 2.61 18.05
C ARG A 332 16.68 1.99 18.14
N SER A 333 16.77 0.74 17.71
CA SER A 333 18.02 -0.01 17.60
C SER A 333 17.80 -1.09 16.55
N ASN A 334 18.63 -1.13 15.52
CA ASN A 334 18.44 -2.12 14.49
C ASN A 334 18.60 -3.52 15.08
N GLU A 335 19.68 -3.75 15.81
CA GLU A 335 19.92 -5.05 16.43
C GLU A 335 18.70 -5.48 17.26
N LYS A 336 18.16 -4.58 18.11
CA LYS A 336 17.01 -4.94 18.93
C LYS A 336 15.80 -5.22 18.07
N THR A 337 15.63 -4.45 16.99
CA THR A 337 14.48 -4.61 16.09
C THR A 337 14.51 -6.02 15.48
N PHE A 338 15.69 -6.45 15.04
CA PHE A 338 15.80 -7.78 14.49
C PHE A 338 15.55 -8.83 15.57
N TRP A 339 16.12 -8.67 16.75
CA TRP A 339 15.99 -9.63 17.83
C TRP A 339 14.51 -9.78 18.24
N VAL A 340 13.85 -8.63 18.45
CA VAL A 340 12.45 -8.60 18.86
C VAL A 340 11.60 -9.31 17.82
N THR A 341 11.88 -9.03 16.56
CA THR A 341 11.07 -9.58 15.48
C THR A 341 11.15 -11.09 15.51
N LYS A 342 12.38 -11.62 15.66
CA LYS A 342 12.58 -13.05 15.64
C LYS A 342 12.05 -13.72 16.92
N MET A 343 12.28 -13.08 18.08
CA MET A 343 11.81 -13.64 19.34
C MET A 343 10.29 -13.71 19.33
N LEU A 344 9.62 -12.69 18.79
CA LEU A 344 8.17 -12.73 18.67
C LEU A 344 7.75 -13.83 17.73
N GLN A 345 8.45 -13.96 16.58
CA GLN A 345 8.13 -15.04 15.67
C GLN A 345 8.15 -16.40 16.40
N ASP A 346 9.25 -16.65 17.12
CA ASP A 346 9.50 -17.90 17.80
C ASP A 346 8.48 -18.10 18.93
N ASP A 347 7.85 -17.03 19.40
CA ASP A 347 6.80 -17.17 20.41
C ASP A 347 5.40 -17.03 19.79
N GLY A 348 5.28 -17.11 18.46
CA GLY A 348 3.98 -17.15 17.84
C GLY A 348 3.31 -15.81 17.50
N VAL A 349 4.11 -14.73 17.32
CA VAL A 349 3.59 -13.42 16.93
C VAL A 349 4.37 -12.89 15.71
N PHE A 350 3.66 -12.56 14.64
CA PHE A 350 4.23 -12.04 13.39
C PHE A 350 4.04 -10.53 13.30
N VAL A 351 5.17 -9.80 13.40
CA VAL A 351 5.20 -8.38 13.14
C VAL A 351 6.26 -8.08 12.08
N ASN A 352 6.23 -6.87 11.53
CA ASN A 352 7.14 -6.50 10.44
C ASN A 352 8.18 -5.51 10.93
N PRO A 353 9.48 -5.79 10.72
CA PRO A 353 10.50 -4.82 11.13
C PRO A 353 10.75 -3.77 10.08
N VAL A 354 11.11 -2.58 10.60
CA VAL A 354 11.58 -1.46 9.80
C VAL A 354 12.91 -1.02 10.41
N VAL A 355 13.98 -1.14 9.59
CA VAL A 355 15.36 -0.99 10.06
C VAL A 355 16.13 -0.15 9.06
N SER A 356 17.38 0.23 9.42
CA SER A 356 18.30 0.80 8.44
C SER A 356 18.63 -0.23 7.35
N PRO A 357 18.81 0.17 6.07
CA PRO A 357 18.86 1.57 5.64
C PRO A 357 17.56 2.27 5.23
N ALA A 358 16.40 1.62 5.41
CA ALA A 358 15.12 2.27 5.14
C ALA A 358 14.87 3.42 6.12
N VAL A 359 15.31 3.29 7.37
CA VAL A 359 15.19 4.38 8.33
C VAL A 359 16.46 4.42 9.16
N PRO A 360 16.71 5.52 9.90
CA PRO A 360 17.83 5.57 10.83
C PRO A 360 17.65 4.59 11.98
N ALA A 361 18.77 4.07 12.46
CA ALA A 361 18.79 3.12 13.56
C ALA A 361 17.85 3.60 14.68
N GLU A 362 17.96 4.89 15.01
CA GLU A 362 17.26 5.48 16.14
C GLU A 362 15.74 5.55 15.93
N GLU A 363 15.27 5.34 14.69
CA GLU A 363 13.84 5.32 14.39
C GLU A 363 13.36 3.93 13.91
N SER A 364 14.19 2.90 14.16
CA SER A 364 13.82 1.54 13.81
C SER A 364 12.61 1.11 14.66
N LEU A 365 11.71 0.28 14.09
CA LEU A 365 10.45 -0.02 14.75
C LEU A 365 9.89 -1.35 14.23
N ILE A 366 8.83 -1.83 14.88
CA ILE A 366 8.03 -2.90 14.33
C ILE A 366 6.64 -2.36 14.01
N ARG A 367 6.02 -2.88 12.96
CA ARG A 367 4.71 -2.41 12.55
C ARG A 367 3.71 -3.52 12.85
N PHE A 368 2.70 -3.15 13.64
CA PHE A 368 1.65 -4.01 14.13
C PHE A 368 0.38 -3.52 13.48
N SER A 369 -0.17 -4.33 12.58
CA SER A 369 -1.29 -3.94 11.76
C SER A 369 -2.53 -4.73 12.20
N LEU A 370 -3.68 -4.04 12.22
CA LEU A 370 -4.92 -4.73 12.57
C LEU A 370 -5.68 -5.16 11.34
N MET A 371 -6.43 -6.25 11.51
CA MET A 371 -7.47 -6.72 10.59
C MET A 371 -8.84 -6.72 11.30
N ALA A 372 -9.91 -6.54 10.51
CA ALA A 372 -11.28 -6.58 11.01
C ALA A 372 -11.52 -7.88 11.75
N THR A 373 -10.89 -8.99 11.29
CA THR A 373 -11.18 -10.31 11.80
C THR A 373 -10.40 -10.62 13.08
N HIS A 374 -9.44 -9.80 13.51
CA HIS A 374 -8.79 -10.00 14.79
C HIS A 374 -9.84 -9.92 15.91
N THR A 375 -9.61 -10.70 16.96
CA THR A 375 -10.39 -10.65 18.17
C THR A 375 -9.62 -9.85 19.22
N TYR A 376 -10.32 -9.33 20.23
CA TYR A 376 -9.63 -8.65 21.32
C TYR A 376 -8.72 -9.61 22.06
N ASP A 377 -9.10 -10.90 22.18
CA ASP A 377 -8.27 -11.90 22.83
C ASP A 377 -6.96 -12.08 22.09
N GLN A 378 -7.02 -12.08 20.75
CA GLN A 378 -5.79 -12.26 19.99
C GLN A 378 -4.87 -11.07 20.24
N ILE A 379 -5.42 -9.84 20.16
CA ILE A 379 -4.68 -8.62 20.40
C ILE A 379 -4.04 -8.73 21.79
N ASP A 380 -4.84 -9.12 22.77
CA ASP A 380 -4.32 -9.20 24.11
C ASP A 380 -3.16 -10.17 24.17
N GLU A 381 -3.27 -11.35 23.55
N GLU A 381 -3.29 -11.33 23.52
CA GLU A 381 -2.18 -12.33 23.61
CA GLU A 381 -2.26 -12.37 23.56
C GLU A 381 -0.93 -11.72 22.98
C GLU A 381 -0.96 -11.85 22.92
N ALA A 382 -1.08 -11.10 21.82
CA ALA A 382 0.08 -10.57 21.13
C ALA A 382 0.77 -9.50 21.97
N ILE A 383 -0.01 -8.59 22.56
CA ILE A 383 0.54 -7.52 23.37
C ILE A 383 1.25 -8.11 24.61
N GLU A 384 0.69 -9.17 25.23
CA GLU A 384 1.27 -9.86 26.39
C GLU A 384 2.69 -10.35 26.01
N LYS A 385 2.72 -11.03 24.86
CA LYS A 385 3.98 -11.54 24.34
C LYS A 385 4.95 -10.43 23.98
N MET A 386 4.43 -9.30 23.46
N MET A 386 4.44 -9.32 23.44
CA MET A 386 5.26 -8.18 23.04
CA MET A 386 5.30 -8.21 23.06
C MET A 386 5.86 -7.47 24.26
C MET A 386 5.93 -7.63 24.33
N VAL A 387 5.13 -7.51 25.39
CA VAL A 387 5.66 -6.95 26.62
C VAL A 387 6.83 -7.82 27.10
N LYS A 388 6.63 -9.14 27.10
CA LYS A 388 7.65 -10.07 27.57
C LYS A 388 8.91 -9.91 26.70
N VAL A 389 8.74 -9.86 25.36
CA VAL A 389 9.90 -9.84 24.49
C VAL A 389 10.66 -8.53 24.64
N PHE A 390 9.94 -7.40 24.76
CA PHE A 390 10.57 -6.09 24.87
C PHE A 390 11.40 -6.09 26.15
N LYS A 391 10.92 -6.78 27.18
CA LYS A 391 11.70 -6.87 28.41
C LYS A 391 12.93 -7.75 28.19
N GLN A 392 12.73 -8.94 27.60
CA GLN A 392 13.87 -9.83 27.38
C GLN A 392 14.94 -9.10 26.56
N ALA A 393 14.51 -8.27 25.60
CA ALA A 393 15.45 -7.60 24.71
C ALA A 393 16.02 -6.36 25.38
N GLU A 394 15.43 -5.94 26.49
CA GLU A 394 15.80 -4.70 27.19
C GLU A 394 15.64 -3.47 26.29
N VAL A 395 14.41 -3.19 25.82
CA VAL A 395 14.10 -1.95 25.11
C VAL A 395 13.61 -0.91 26.15
N PLS B . 2.70 -2.00 -0.36
CA PLS B . 3.25 -3.25 0.16
CB PLS B . 3.05 -4.48 -0.71
OG PLS B . 1.66 -4.69 -1.05
C PLS B . 4.76 -3.08 0.50
O PLS B . 5.32 -2.03 0.12
OXT PLS B . 5.27 -4.00 1.20
N1 PLS B . 1.41 2.10 -3.01
C2 PLS B . 1.54 1.89 -1.70
C2A PLS B . 1.36 3.03 -0.76
C3 PLS B . 1.90 0.60 -1.19
O3 PLS B . 2.07 0.49 0.17
C4 PLS B . 2.08 -0.45 -2.11
C4A PLS B . 2.55 -1.79 -1.73
C5 PLS B . 1.92 -0.18 -3.48
C6 PLS B . 1.57 1.10 -3.86
C5A PLS B . 2.10 -1.22 -4.52
O4P PLS B . 0.92 -2.11 -4.54
P PLS B . 1.09 -3.71 -4.77
O1P PLS B . -0.36 -4.20 -4.94
O2P PLS B . 1.81 -4.27 -3.54
O3P PLS B . 1.87 -3.91 -6.06
C1 EDO C . 28.09 -17.03 -16.42
O1 EDO C . 28.75 -16.15 -15.51
C2 EDO C . 27.07 -17.89 -15.70
O2 EDO C . 27.67 -18.91 -14.89
C1 EDO D . -4.49 -22.24 18.60
O1 EDO D . -3.49 -21.50 17.97
C2 EDO D . -5.73 -21.50 18.71
O2 EDO D . -5.57 -20.46 19.62
C1 EDO E . -22.43 -9.54 -0.25
O1 EDO E . -22.72 -8.16 -0.17
C2 EDO E . -22.37 -10.03 -1.64
O2 EDO E . -22.48 -8.98 -2.60
C1 EDO F . 6.76 -1.85 26.86
O1 EDO F . 6.80 -2.70 28.00
C2 EDO F . 7.66 -0.71 26.94
O2 EDO F . 8.87 -0.89 26.22
C1 EDO G . 27.62 -13.18 -1.09
O1 EDO G . 28.55 -13.86 -1.93
C2 EDO G . 28.14 -11.99 -0.35
O2 EDO G . 29.40 -12.18 0.27
C1 EDO H . -18.64 5.26 -1.47
O1 EDO H . -18.84 5.28 -2.86
C2 EDO H . -18.30 6.62 -1.02
O2 EDO H . -18.92 7.65 -1.79
C1 EDO I . 18.24 -6.28 4.41
O1 EDO I . 17.24 -7.15 3.95
C2 EDO I . 18.13 -5.99 5.87
O2 EDO I . 16.84 -5.63 6.24
#